data_1NDZ
#
_entry.id   1NDZ
#
_cell.length_a   78.06
_cell.length_b   78.06
_cell.length_c   136.71
_cell.angle_alpha   90
_cell.angle_beta   90
_cell.angle_gamma   90
#
_symmetry.space_group_name_H-M   'P 43 21 2'
#
loop_
_entity.id
_entity.type
_entity.pdbx_description
1 polymer 'Adenosine Deaminase'
2 non-polymer 'ZINC ION'
3 non-polymer 1-((1R)-1-(HYDROXYMETHYL)-3-(6-((3-(1-METHYL-1H-BENZIMIDAZOL-2-YL)PROPANOYL)AMINO)-1H-INDOL-1-YL)PROPYL)-1H-IMIDAZOLE-4-CARBOXAMIDE
4 water water
#
_entity_poly.entity_id   1
_entity_poly.type   'polypeptide(L)'
_entity_poly.pdbx_seq_one_letter_code
;AQTPAFDKPKVELHVHLDGAIKPETILYYGKRRGIALPADTPEELQNIIGMDKPLTLPDFLAKFDYYMPAIAGCRDAIKR
IAYEFVEMKAKDGVVYVEVRYSPHLLANSKVEPIPWNQAEGDLTPDEVVSLVNQGLQEGERDFGVKVRSILCCMRHQPSW
SSEVVELCKKYREQTVVAIDLAGDETIEGSSLFPGHVQAYAEAVKSGVHRTVHAGEVGSANVVKEAVDTLKTERLGHGYH
TLEDTTLYNRLRQENMHFEICPWSSYLTGAWKPDTEHAVIRFKNDQVNYSLNTDDPLIFKSTLDTDYQMTKKDMGFTEEE
FKRLNINAAKSSFLPEDEKKELLDLLYKAYRMPSPA
;
_entity_poly.pdbx_strand_id   A
#
# COMPACT_ATOMS: atom_id res chain seq x y z
N THR A 3 -14.64 -6.10 -21.19
CA THR A 3 -13.17 -5.91 -21.16
C THR A 3 -12.24 -6.30 -20.07
N PRO A 4 -12.76 -6.30 -18.83
CA PRO A 4 -11.75 -6.32 -17.79
C PRO A 4 -11.06 -7.62 -17.68
N ALA A 5 -9.73 -7.62 -17.72
CA ALA A 5 -8.95 -8.86 -17.71
C ALA A 5 -9.32 -10.10 -16.83
N PHE A 6 -9.79 -9.79 -15.65
CA PHE A 6 -10.25 -10.81 -14.68
C PHE A 6 -11.48 -10.32 -13.91
N ASP A 7 -12.67 -10.59 -14.62
CA ASP A 7 -14.04 -10.30 -14.10
C ASP A 7 -14.50 -11.15 -12.95
N LYS A 8 -13.67 -11.23 -11.94
CA LYS A 8 -14.06 -12.10 -10.87
C LYS A 8 -13.73 -11.40 -9.52
N PRO A 9 -14.23 -11.89 -8.37
CA PRO A 9 -13.80 -11.26 -7.12
C PRO A 9 -12.25 -11.30 -6.93
N LYS A 10 -11.82 -10.27 -6.16
CA LYS A 10 -10.40 -10.04 -6.04
C LYS A 10 -10.07 -9.66 -4.59
N VAL A 11 -8.83 -9.94 -4.28
CA VAL A 11 -8.25 -9.45 -3.02
C VAL A 11 -6.97 -8.49 -3.35
N GLU A 12 -6.85 -7.52 -2.52
CA GLU A 12 -5.65 -6.64 -2.66
C GLU A 12 -5.08 -6.18 -1.34
N LEU A 13 -3.75 -6.47 -1.33
CA LEU A 13 -3.01 -6.25 -0.05
C LEU A 13 -2.09 -5.01 0.09
N HIS A 14 -1.86 -4.45 -1.12
CA HIS A 14 -0.79 -3.37 -1.25
C HIS A 14 -1.32 -2.11 -2.14
N VAL A 15 -2.01 -1.20 -1.44
CA VAL A 15 -2.42 0.10 -1.94
C VAL A 15 -2.37 1.12 -0.82
N HIS A 16 -1.84 2.27 -1.23
CA HIS A 16 -1.76 3.33 -0.20
C HIS A 16 -2.94 4.45 -0.23
N LEU A 17 -3.54 4.70 0.84
CA LEU A 17 -4.71 5.56 0.87
C LEU A 17 -4.36 6.95 0.24
N ASP A 18 -3.14 7.39 0.70
CA ASP A 18 -2.71 8.72 0.27
C ASP A 18 -2.27 8.79 -1.14
N GLY A 19 -2.15 7.68 -1.73
CA GLY A 19 -2.08 7.81 -3.15
C GLY A 19 -3.30 7.17 -3.93
N ALA A 20 -4.43 7.17 -3.27
CA ALA A 20 -5.65 6.51 -3.87
C ALA A 20 -6.86 7.47 -3.59
N ILE A 21 -6.63 8.68 -4.23
CA ILE A 21 -7.46 9.87 -3.90
C ILE A 21 -7.98 10.47 -5.21
N LYS A 22 -9.24 10.74 -5.19
CA LYS A 22 -9.73 11.21 -6.55
C LYS A 22 -9.52 12.69 -6.87
N PRO A 23 -9.12 12.88 -8.14
CA PRO A 23 -8.87 14.26 -8.61
C PRO A 23 -9.89 15.23 -8.15
N GLU A 24 -11.18 14.84 -8.33
CA GLU A 24 -12.16 15.82 -7.92
C GLU A 24 -12.25 16.23 -6.45
N THR A 25 -11.76 15.39 -5.56
CA THR A 25 -11.88 15.64 -4.08
C THR A 25 -10.73 16.50 -3.51
N ILE A 26 -9.59 16.34 -4.19
CA ILE A 26 -8.40 17.23 -3.99
C ILE A 26 -8.89 18.72 -4.46
N LEU A 27 -9.31 18.80 -5.75
CA LEU A 27 -9.93 20.11 -6.24
C LEU A 27 -10.95 20.75 -5.29
N TYR A 28 -11.94 19.94 -4.88
CA TYR A 28 -12.75 20.32 -3.79
C TYR A 28 -12.07 20.88 -2.65
N TYR A 29 -11.17 20.08 -2.06
CA TYR A 29 -10.75 20.55 -0.71
C TYR A 29 -9.84 21.70 -0.68
N GLY A 30 -8.97 21.73 -1.62
CA GLY A 30 -8.15 22.95 -1.49
C GLY A 30 -8.78 24.25 -2.07
N LYS A 31 -9.60 24.21 -3.19
CA LYS A 31 -10.60 25.26 -3.33
C LYS A 31 -11.17 25.80 -2.05
N ARG A 32 -11.72 24.93 -1.27
CA ARG A 32 -12.44 25.40 -0.07
C ARG A 32 -11.54 25.86 1.07
N ARG A 33 -10.29 25.45 0.93
CA ARG A 33 -9.14 25.80 1.83
C ARG A 33 -8.21 26.96 1.47
N GLY A 34 -8.51 27.56 0.31
CA GLY A 34 -7.37 28.30 -0.35
C GLY A 34 -6.03 27.53 -0.79
N ILE A 35 -6.01 26.22 -0.91
CA ILE A 35 -4.62 25.87 -1.13
C ILE A 35 -4.13 26.04 -2.59
N ALA A 36 -4.91 25.49 -3.54
CA ALA A 36 -4.29 25.54 -4.90
C ALA A 36 -2.96 24.90 -5.44
N LEU A 37 -3.25 24.66 -6.68
CA LEU A 37 -2.86 23.48 -7.31
C LEU A 37 -2.46 23.89 -8.71
N PRO A 38 -1.66 22.98 -9.28
CA PRO A 38 -1.26 23.19 -10.67
C PRO A 38 -2.40 23.24 -11.67
N ALA A 39 -3.61 22.97 -11.19
CA ALA A 39 -4.91 23.32 -11.84
C ALA A 39 -6.13 23.28 -10.99
N ASP A 40 -7.25 23.53 -11.62
CA ASP A 40 -8.65 23.43 -11.09
C ASP A 40 -9.80 22.87 -11.97
N THR A 41 -9.42 22.21 -13.07
CA THR A 41 -10.25 21.00 -13.25
C THR A 41 -9.66 19.62 -12.81
N PRO A 42 -10.58 18.85 -12.16
CA PRO A 42 -10.39 17.39 -12.01
C PRO A 42 -10.63 16.93 -13.36
N GLU A 43 -9.56 17.14 -14.11
CA GLU A 43 -9.27 16.61 -15.44
C GLU A 43 -7.81 16.89 -15.78
N GLU A 44 -7.49 18.21 -15.64
CA GLU A 44 -6.07 18.49 -15.93
C GLU A 44 -5.10 18.13 -14.75
N LEU A 45 -5.77 18.20 -13.56
CA LEU A 45 -5.22 17.64 -12.31
C LEU A 45 -4.77 16.21 -12.55
N GLN A 46 -5.74 15.32 -12.95
CA GLN A 46 -5.25 13.94 -13.21
C GLN A 46 -3.99 13.87 -14.07
N ASN A 47 -4.06 14.53 -15.27
CA ASN A 47 -2.82 14.58 -16.09
C ASN A 47 -1.50 15.03 -15.50
N ILE A 48 -1.55 16.14 -14.75
CA ILE A 48 -0.29 16.42 -14.05
C ILE A 48 0.11 15.45 -12.88
N ILE A 49 -0.89 15.03 -12.08
CA ILE A 49 -0.42 14.07 -11.03
C ILE A 49 -0.06 12.69 -11.48
N GLY A 50 -0.89 12.25 -12.39
CA GLY A 50 -0.52 11.01 -13.06
C GLY A 50 0.75 11.03 -13.90
N MET A 51 1.37 9.89 -13.89
CA MET A 51 2.50 9.70 -14.78
C MET A 51 2.19 8.74 -15.95
N ASP A 52 2.88 9.06 -17.02
CA ASP A 52 2.92 8.09 -18.12
C ASP A 52 4.34 7.53 -18.36
N LYS A 53 5.29 7.92 -17.48
CA LYS A 53 6.72 7.79 -17.81
C LYS A 53 7.51 7.69 -16.54
N PRO A 54 8.53 6.85 -16.40
CA PRO A 54 9.38 6.99 -15.25
C PRO A 54 9.92 8.42 -14.91
N LEU A 55 10.01 8.68 -13.65
CA LEU A 55 10.71 9.89 -13.35
C LEU A 55 11.64 9.75 -12.17
N THR A 56 12.32 10.83 -11.84
CA THR A 56 13.09 10.68 -10.59
C THR A 56 12.27 10.68 -9.30
N LEU A 57 12.88 10.22 -8.18
CA LEU A 57 12.18 10.52 -6.86
C LEU A 57 11.80 11.88 -6.49
N PRO A 58 12.75 12.89 -6.64
CA PRO A 58 12.22 14.26 -6.40
C PRO A 58 10.93 14.59 -7.15
N ASP A 59 10.85 14.22 -8.42
CA ASP A 59 9.64 14.67 -9.15
C ASP A 59 8.40 13.90 -8.62
N PHE A 60 8.79 12.59 -8.36
CA PHE A 60 7.73 11.87 -7.59
C PHE A 60 7.20 12.49 -6.30
N LEU A 61 8.13 12.81 -5.30
CA LEU A 61 7.62 13.32 -3.99
C LEU A 61 6.85 14.64 -4.03
N ALA A 62 7.15 15.47 -5.15
CA ALA A 62 6.64 16.88 -5.10
C ALA A 62 5.23 16.97 -5.44
N LYS A 63 4.88 15.82 -6.10
CA LYS A 63 3.42 15.71 -6.12
C LYS A 63 2.60 15.37 -4.89
N PHE A 64 3.20 14.53 -3.96
CA PHE A 64 2.55 14.69 -2.64
C PHE A 64 2.51 16.14 -2.11
N ASP A 65 3.60 16.88 -2.47
CA ASP A 65 3.54 18.35 -2.09
C ASP A 65 2.55 19.21 -2.73
N TYR A 66 2.26 19.06 -4.02
CA TYR A 66 1.01 19.83 -4.36
C TYR A 66 -0.27 19.48 -3.66
N TYR A 67 -0.59 18.11 -3.58
CA TYR A 67 -1.99 17.76 -3.24
C TYR A 67 -2.32 17.43 -1.81
N MET A 68 -1.28 16.82 -1.13
CA MET A 68 -1.39 16.57 0.34
C MET A 68 -1.88 17.70 1.17
N PRO A 69 -1.41 18.95 0.79
CA PRO A 69 -1.82 19.96 1.73
C PRO A 69 -3.34 20.21 1.72
N ALA A 70 -3.94 19.82 0.57
CA ALA A 70 -5.42 19.83 0.48
C ALA A 70 -6.26 18.93 1.47
N ILE A 71 -5.74 17.70 1.80
CA ILE A 71 -6.52 16.84 2.73
C ILE A 71 -5.98 16.90 4.15
N ALA A 72 -4.61 16.82 4.11
CA ALA A 72 -4.00 16.75 5.43
C ALA A 72 -4.33 17.92 6.35
N GLY A 73 -4.51 17.60 7.61
CA GLY A 73 -4.98 18.67 8.45
C GLY A 73 -6.50 18.80 8.67
N CYS A 74 -7.26 18.37 7.71
CA CYS A 74 -8.71 18.71 7.76
C CYS A 74 -9.49 17.43 8.12
N ARG A 75 -10.01 17.38 9.34
CA ARG A 75 -10.70 16.06 9.67
C ARG A 75 -11.57 15.41 8.61
N ASP A 76 -12.39 16.35 8.10
CA ASP A 76 -13.44 16.03 7.17
C ASP A 76 -12.94 15.35 5.90
N ALA A 77 -11.87 15.99 5.41
CA ALA A 77 -11.12 15.48 4.28
C ALA A 77 -10.44 14.13 4.61
N ILE A 78 -9.99 13.86 5.85
CA ILE A 78 -9.36 12.53 6.15
C ILE A 78 -10.39 11.40 6.02
N LYS A 79 -11.45 11.66 6.81
CA LYS A 79 -12.55 10.67 6.73
C LYS A 79 -13.15 10.44 5.32
N ARG A 80 -13.45 11.57 4.70
CA ARG A 80 -13.85 11.39 3.32
C ARG A 80 -12.97 10.64 2.34
N ILE A 81 -11.65 10.84 2.49
CA ILE A 81 -10.90 10.10 1.52
C ILE A 81 -10.95 8.59 1.67
N ALA A 82 -11.18 8.26 2.92
CA ALA A 82 -11.32 6.83 3.27
C ALA A 82 -12.61 6.10 3.02
N TYR A 83 -13.75 6.71 3.44
CA TYR A 83 -14.98 6.47 2.68
C TYR A 83 -14.99 6.23 1.19
N GLU A 84 -14.49 7.19 0.44
CA GLU A 84 -14.45 6.90 -1.00
C GLU A 84 -13.33 6.11 -1.69
N PHE A 85 -12.25 5.91 -0.87
CA PHE A 85 -11.36 4.73 -1.14
C PHE A 85 -12.13 3.39 -1.32
N VAL A 86 -12.95 3.10 -0.26
CA VAL A 86 -13.71 1.84 -0.36
C VAL A 86 -14.60 1.67 -1.59
N GLU A 87 -15.28 2.82 -1.82
CA GLU A 87 -15.85 2.96 -3.14
C GLU A 87 -15.10 2.57 -4.42
N MET A 88 -13.87 3.09 -4.54
CA MET A 88 -13.07 2.62 -5.65
C MET A 88 -12.86 1.17 -5.73
N LYS A 89 -12.77 0.61 -4.51
CA LYS A 89 -12.39 -0.79 -4.58
C LYS A 89 -13.53 -1.67 -4.97
N ALA A 90 -14.73 -1.18 -4.46
CA ALA A 90 -16.06 -1.85 -4.87
C ALA A 90 -16.12 -1.91 -6.33
N LYS A 91 -15.60 -0.77 -6.87
CA LYS A 91 -15.69 -0.83 -8.33
C LYS A 91 -14.69 -1.59 -9.10
N ASP A 92 -13.56 -1.91 -8.48
CA ASP A 92 -12.67 -2.88 -9.00
C ASP A 92 -13.13 -4.36 -8.82
N GLY A 93 -14.25 -4.62 -8.26
CA GLY A 93 -14.57 -6.03 -7.82
C GLY A 93 -13.72 -6.66 -6.67
N VAL A 94 -13.19 -5.84 -5.84
CA VAL A 94 -12.46 -6.38 -4.71
C VAL A 94 -13.37 -6.79 -3.48
N VAL A 95 -13.22 -8.00 -2.97
CA VAL A 95 -14.08 -8.37 -1.80
C VAL A 95 -13.41 -8.29 -0.37
N TYR A 96 -12.00 -8.02 -0.49
CA TYR A 96 -11.24 -7.79 0.73
C TYR A 96 -9.97 -6.91 0.30
N VAL A 97 -9.80 -5.87 1.04
CA VAL A 97 -8.55 -5.02 0.73
C VAL A 97 -7.89 -4.58 2.07
N GLU A 98 -6.53 -4.59 2.10
CA GLU A 98 -5.85 -4.03 3.24
C GLU A 98 -5.23 -2.65 2.66
N VAL A 99 -5.58 -1.57 3.32
CA VAL A 99 -5.19 -0.26 2.77
C VAL A 99 -4.18 0.34 3.77
N ARG A 100 -3.18 1.08 3.28
CA ARG A 100 -2.13 1.47 4.20
C ARG A 100 -1.78 2.96 3.96
N TYR A 101 -1.18 3.47 5.04
CA TYR A 101 -0.86 4.90 5.12
C TYR A 101 -0.10 5.26 6.28
N SER A 102 0.61 6.41 6.27
CA SER A 102 1.18 6.90 7.45
C SER A 102 0.27 7.91 8.14
N PRO A 103 -0.06 7.69 9.42
CA PRO A 103 -0.95 8.66 10.09
C PRO A 103 -0.27 10.06 10.35
N HIS A 104 1.06 9.94 10.71
CA HIS A 104 1.75 11.27 10.71
C HIS A 104 1.63 12.14 9.47
N LEU A 105 1.53 11.58 8.23
CA LEU A 105 1.52 12.35 7.02
C LEU A 105 0.12 13.12 6.67
N LEU A 106 -0.77 12.94 7.57
CA LEU A 106 -2.00 13.57 7.32
C LEU A 106 -2.21 14.40 8.56
N ALA A 107 -1.19 14.42 9.44
CA ALA A 107 -1.46 15.13 10.66
C ALA A 107 -0.88 16.57 10.51
N ASN A 108 -1.38 17.26 11.51
CA ASN A 108 -1.02 18.68 11.41
C ASN A 108 -0.58 19.23 12.74
N SER A 109 -0.59 18.34 13.71
CA SER A 109 -0.44 18.67 15.11
C SER A 109 0.17 17.43 15.76
N LYS A 110 0.93 17.66 16.79
CA LYS A 110 1.70 16.62 17.51
C LYS A 110 2.55 15.66 16.65
N VAL A 111 3.18 16.28 15.69
CA VAL A 111 4.10 15.60 14.73
C VAL A 111 5.32 16.49 14.30
N GLU A 112 6.55 16.07 14.54
CA GLU A 112 7.69 16.84 13.96
C GLU A 112 8.57 16.08 13.03
N PRO A 113 9.11 16.66 11.96
CA PRO A 113 8.76 18.02 11.53
C PRO A 113 7.27 18.01 11.09
N ILE A 114 6.52 19.12 11.12
CA ILE A 114 5.20 19.12 10.42
C ILE A 114 5.29 19.05 8.87
N PRO A 115 4.55 17.99 8.47
CA PRO A 115 4.57 17.66 7.04
C PRO A 115 4.05 18.65 5.94
N TRP A 116 4.70 18.69 4.79
CA TRP A 116 4.07 19.40 3.61
C TRP A 116 3.99 20.96 3.76
N ASN A 117 4.99 21.49 4.53
CA ASN A 117 4.92 22.97 4.78
C ASN A 117 3.58 23.41 5.35
N GLN A 118 2.78 22.42 5.89
CA GLN A 118 1.61 22.87 6.59
C GLN A 118 1.95 23.74 7.78
N ALA A 119 1.09 24.70 7.99
CA ALA A 119 1.19 25.16 9.38
C ALA A 119 0.53 24.36 10.54
N GLU A 120 0.97 24.58 11.78
CA GLU A 120 0.45 23.79 12.88
C GLU A 120 -1.03 24.00 12.94
N GLY A 121 -1.77 22.88 13.13
CA GLY A 121 -3.23 23.02 13.35
C GLY A 121 -3.47 22.34 14.64
N ASP A 122 -4.61 21.60 14.80
CA ASP A 122 -4.81 20.61 15.88
C ASP A 122 -5.36 19.15 15.66
N LEU A 123 -5.02 18.77 14.39
CA LEU A 123 -5.25 17.37 13.93
C LEU A 123 -3.95 16.56 14.15
N THR A 124 -4.09 15.74 15.14
CA THR A 124 -2.99 14.81 15.54
C THR A 124 -3.02 13.42 14.73
N PRO A 125 -1.85 12.78 14.59
CA PRO A 125 -1.84 11.39 14.11
C PRO A 125 -2.82 10.34 14.78
N ASP A 126 -2.90 10.35 16.06
CA ASP A 126 -3.86 9.34 16.67
C ASP A 126 -5.33 9.58 16.15
N GLU A 127 -5.56 10.95 16.14
CA GLU A 127 -6.80 11.29 15.49
C GLU A 127 -7.00 11.02 14.06
N VAL A 128 -5.92 11.17 13.27
CA VAL A 128 -5.96 10.64 11.98
C VAL A 128 -6.51 9.15 11.82
N VAL A 129 -6.00 8.30 12.74
CA VAL A 129 -6.33 6.87 12.64
C VAL A 129 -7.78 6.57 12.84
N SER A 130 -8.19 7.30 13.89
CA SER A 130 -9.66 7.34 14.25
C SER A 130 -10.62 7.67 13.05
N LEU A 131 -10.32 8.87 12.39
CA LEU A 131 -11.09 9.24 11.26
C LEU A 131 -11.01 8.33 10.02
N VAL A 132 -9.74 7.82 9.73
CA VAL A 132 -9.63 6.79 8.73
C VAL A 132 -10.49 5.57 9.08
N ASN A 133 -10.39 5.24 10.35
CA ASN A 133 -11.12 4.02 10.69
C ASN A 133 -12.67 4.10 10.29
N GLN A 134 -13.29 5.13 10.97
CA GLN A 134 -14.65 5.53 10.54
C GLN A 134 -14.98 5.55 9.08
N GLY A 135 -14.23 6.32 8.36
CA GLY A 135 -14.58 6.14 6.98
C GLY A 135 -14.47 4.80 6.27
N LEU A 136 -13.36 4.04 6.58
CA LEU A 136 -13.32 2.71 5.94
C LEU A 136 -14.49 1.80 6.51
N GLN A 137 -14.77 1.98 7.79
CA GLN A 137 -15.75 1.10 8.41
C GLN A 137 -17.19 1.36 7.85
N GLU A 138 -17.47 2.69 7.89
CA GLU A 138 -18.71 3.07 7.29
C GLU A 138 -18.78 2.68 5.80
N GLY A 139 -17.60 2.70 5.19
CA GLY A 139 -17.57 2.44 3.73
C GLY A 139 -17.76 0.95 3.37
N GLU A 140 -17.24 0.16 4.34
CA GLU A 140 -17.44 -1.31 4.29
C GLU A 140 -18.93 -1.63 4.33
N ARG A 141 -19.57 -1.09 5.34
CA ARG A 141 -21.04 -1.08 5.40
C ARG A 141 -21.83 -0.75 4.09
N ASP A 142 -21.45 0.37 3.43
CA ASP A 142 -22.27 0.93 2.30
C ASP A 142 -22.00 0.24 1.03
N PHE A 143 -20.72 -0.17 0.92
CA PHE A 143 -20.38 -0.72 -0.40
C PHE A 143 -19.96 -2.26 -0.57
N GLY A 144 -19.91 -2.92 0.54
CA GLY A 144 -19.93 -4.38 0.49
C GLY A 144 -18.52 -5.03 0.25
N VAL A 145 -17.47 -4.32 0.69
CA VAL A 145 -16.04 -4.75 0.53
C VAL A 145 -15.45 -4.85 1.91
N LYS A 146 -14.87 -5.98 2.26
CA LYS A 146 -14.31 -6.12 3.65
C LYS A 146 -12.96 -5.34 3.67
N VAL A 147 -12.62 -4.49 4.67
CA VAL A 147 -11.49 -3.53 4.56
C VAL A 147 -10.84 -3.52 5.94
N ARG A 148 -9.56 -3.74 5.91
CA ARG A 148 -8.74 -3.45 7.06
C ARG A 148 -7.58 -2.49 6.68
N SER A 149 -6.95 -1.97 7.63
CA SER A 149 -5.91 -1.01 7.27
C SER A 149 -4.53 -1.43 7.98
N ILE A 150 -3.39 -0.84 7.46
CA ILE A 150 -2.01 -1.08 7.94
C ILE A 150 -1.28 0.35 8.16
N LEU A 151 -0.66 0.58 9.29
CA LEU A 151 -0.05 1.93 9.57
C LEU A 151 1.48 1.80 9.15
N CYS A 152 1.99 2.78 8.39
CA CYS A 152 3.36 2.80 7.95
C CYS A 152 4.22 3.69 8.78
N CYS A 153 5.25 3.10 9.35
CA CYS A 153 6.47 3.86 9.68
C CYS A 153 7.12 4.37 8.46
N MET A 154 7.97 5.39 8.62
CA MET A 154 8.60 5.98 7.30
C MET A 154 10.16 5.89 7.49
N ARG A 155 10.84 5.25 6.62
CA ARG A 155 12.35 5.11 6.63
C ARG A 155 13.22 6.21 7.28
N HIS A 156 12.85 7.47 6.79
CA HIS A 156 13.61 8.69 7.20
C HIS A 156 13.33 9.26 8.55
N GLN A 157 12.22 8.65 9.20
CA GLN A 157 11.90 9.16 10.52
C GLN A 157 11.55 8.10 11.54
N PRO A 158 12.68 7.51 12.04
CA PRO A 158 12.44 6.36 13.00
C PRO A 158 11.86 6.80 14.24
N SER A 159 11.97 8.19 14.53
CA SER A 159 11.33 8.71 15.65
C SER A 159 9.80 8.59 15.65
N TRP A 160 9.22 8.33 14.46
CA TRP A 160 7.79 8.12 14.60
C TRP A 160 7.30 6.62 14.91
N SER A 161 8.20 5.66 14.78
CA SER A 161 7.77 4.20 14.71
C SER A 161 7.28 3.65 15.99
N SER A 162 7.78 4.13 17.12
CA SER A 162 7.09 3.64 18.31
C SER A 162 5.59 4.08 18.52
N GLU A 163 5.35 5.32 18.04
CA GLU A 163 3.95 5.75 17.96
C GLU A 163 3.10 4.89 16.91
N VAL A 164 3.69 4.65 15.74
CA VAL A 164 3.03 3.70 14.86
C VAL A 164 2.67 2.38 15.59
N VAL A 165 3.65 1.66 16.09
CA VAL A 165 3.24 0.45 16.74
C VAL A 165 2.21 0.65 17.86
N GLU A 166 2.37 1.63 18.66
CA GLU A 166 1.35 1.86 19.69
C GLU A 166 -0.01 2.06 19.13
N LEU A 167 -0.04 2.80 17.97
CA LEU A 167 -1.34 3.06 17.26
C LEU A 167 -2.04 1.75 16.74
N CYS A 168 -1.17 0.94 16.05
CA CYS A 168 -1.48 -0.47 15.86
C CYS A 168 -2.00 -1.29 16.96
N LYS A 169 -1.39 -1.13 18.16
CA LYS A 169 -1.94 -1.90 19.26
C LYS A 169 -3.31 -1.34 19.80
N LYS A 170 -3.39 0.03 19.87
CA LYS A 170 -4.67 0.66 20.31
C LYS A 170 -5.87 0.46 19.42
N TYR A 171 -5.71 0.54 18.11
CA TYR A 171 -6.85 0.44 17.23
C TYR A 171 -6.99 -1.02 16.61
N ARG A 172 -6.43 -2.00 17.36
CA ARG A 172 -6.21 -3.36 16.82
C ARG A 172 -7.59 -3.94 16.50
N GLU A 173 -7.62 -4.72 15.48
CA GLU A 173 -8.58 -4.74 14.29
C GLU A 173 -9.91 -3.96 14.02
N GLN A 174 -9.93 -2.73 14.62
CA GLN A 174 -10.81 -1.54 14.63
C GLN A 174 -10.19 -0.51 13.75
N THR A 175 -9.69 -0.71 12.60
CA THR A 175 -9.49 -1.72 11.56
C THR A 175 -8.05 -2.09 11.41
N VAL A 176 -7.19 -1.63 12.33
CA VAL A 176 -5.75 -1.94 12.14
C VAL A 176 -5.24 -3.41 12.35
N VAL A 177 -4.69 -3.91 11.29
CA VAL A 177 -4.11 -5.24 11.47
C VAL A 177 -2.55 -5.41 11.27
N ALA A 178 -1.76 -4.33 10.89
CA ALA A 178 -0.41 -4.74 10.63
C ALA A 178 0.27 -3.36 10.69
N ILE A 179 1.62 -3.49 10.86
CA ILE A 179 2.54 -2.33 10.64
C ILE A 179 3.32 -2.58 9.36
N ASP A 180 3.66 -1.43 8.77
CA ASP A 180 4.43 -1.41 7.55
C ASP A 180 5.66 -0.38 7.67
N LEU A 181 6.53 -0.56 6.71
CA LEU A 181 7.79 0.34 6.58
C LEU A 181 7.92 0.79 5.17
N ALA A 182 7.68 2.09 5.08
CA ALA A 182 7.65 2.68 3.74
C ALA A 182 8.54 4.04 3.71
N GLY A 183 8.62 4.66 2.50
CA GLY A 183 9.70 5.66 2.24
C GLY A 183 10.78 5.30 1.36
N ASP A 184 11.86 6.05 1.56
CA ASP A 184 13.05 5.74 0.77
C ASP A 184 13.96 4.60 1.26
N GLU A 185 13.76 3.50 0.55
CA GLU A 185 14.44 2.27 1.09
C GLU A 185 15.93 2.25 0.73
N THR A 186 16.40 3.25 0.00
CA THR A 186 17.86 3.36 -0.12
C THR A 186 18.68 4.18 0.87
N ILE A 187 18.01 4.90 1.68
CA ILE A 187 18.64 5.46 2.82
C ILE A 187 19.52 4.33 3.57
N GLU A 188 20.83 4.66 3.46
CA GLU A 188 21.87 3.89 4.15
C GLU A 188 21.49 3.44 5.55
N GLY A 189 21.49 2.14 5.70
CA GLY A 189 21.20 1.44 6.95
C GLY A 189 19.79 1.59 7.61
N SER A 190 18.88 2.16 6.77
CA SER A 190 17.53 2.50 7.32
C SER A 190 16.73 1.36 7.93
N SER A 191 17.00 0.17 7.39
CA SER A 191 16.22 -1.00 7.97
C SER A 191 16.57 -1.31 9.45
N LEU A 192 17.86 -0.89 9.78
CA LEU A 192 18.36 -1.09 11.12
C LEU A 192 18.36 0.07 12.07
N PHE A 193 17.80 1.24 11.68
CA PHE A 193 17.64 2.27 12.66
C PHE A 193 16.94 1.79 13.88
N PRO A 194 17.51 2.06 15.12
CA PRO A 194 17.01 1.38 16.32
C PRO A 194 15.50 1.60 16.46
N GLY A 195 15.05 2.90 16.18
CA GLY A 195 13.58 3.17 16.27
C GLY A 195 12.60 2.19 15.44
N HIS A 196 12.99 1.91 14.15
CA HIS A 196 12.34 0.91 13.32
C HIS A 196 12.43 -0.57 14.00
N VAL A 197 13.71 -0.91 14.40
CA VAL A 197 13.94 -2.27 14.92
C VAL A 197 13.09 -2.54 16.18
N GLN A 198 13.21 -1.51 17.04
CA GLN A 198 12.42 -1.67 18.21
C GLN A 198 10.90 -1.64 18.02
N ALA A 199 10.39 -0.82 17.07
CA ALA A 199 8.92 -1.00 16.71
C ALA A 199 8.52 -2.39 16.21
N TYR A 200 9.42 -2.96 15.40
CA TYR A 200 9.00 -4.23 14.82
C TYR A 200 9.16 -5.39 15.88
N ALA A 201 10.09 -5.18 16.76
CA ALA A 201 10.18 -6.16 17.87
C ALA A 201 9.00 -6.09 18.81
N GLU A 202 8.45 -4.85 19.00
CA GLU A 202 7.30 -4.74 19.88
C GLU A 202 6.04 -5.26 19.11
N ALA A 203 6.07 -5.14 17.75
CA ALA A 203 5.08 -5.80 16.91
C ALA A 203 5.08 -7.30 17.12
N VAL A 204 6.26 -8.01 17.11
CA VAL A 204 6.31 -9.41 17.52
C VAL A 204 5.81 -9.67 18.98
N LYS A 205 6.20 -8.79 19.88
CA LYS A 205 5.81 -9.02 21.28
C LYS A 205 4.36 -8.90 21.49
N SER A 206 3.68 -8.05 20.73
CA SER A 206 2.28 -7.89 21.03
C SER A 206 1.30 -8.37 19.99
N GLY A 207 1.86 -9.27 19.13
CA GLY A 207 1.04 -9.92 18.16
C GLY A 207 0.40 -9.05 17.02
N VAL A 208 1.15 -7.94 16.66
CA VAL A 208 0.71 -7.18 15.47
C VAL A 208 1.48 -7.64 14.12
N HIS A 209 0.68 -7.89 13.04
CA HIS A 209 1.24 -8.46 11.83
C HIS A 209 2.24 -7.57 11.07
N ARG A 210 3.08 -8.12 10.19
CA ARG A 210 4.22 -7.12 9.80
C ARG A 210 4.44 -7.37 8.33
N THR A 211 4.46 -6.22 7.63
CA THR A 211 4.97 -6.24 6.22
C THR A 211 6.05 -5.13 6.15
N VAL A 212 6.80 -5.15 5.12
CA VAL A 212 7.98 -4.08 4.97
C VAL A 212 8.20 -3.92 3.44
N HIS A 213 8.10 -2.61 3.02
CA HIS A 213 8.56 -2.40 1.69
C HIS A 213 10.11 -2.60 1.52
N ALA A 214 10.39 -3.58 0.62
CA ALA A 214 11.82 -3.96 0.43
C ALA A 214 12.13 -4.71 -0.91
N GLY A 215 13.24 -4.27 -1.51
CA GLY A 215 13.60 -4.95 -2.79
C GLY A 215 12.84 -4.45 -4.03
N GLU A 216 12.30 -3.22 -3.78
CA GLU A 216 11.59 -2.49 -4.88
C GLU A 216 12.61 -1.75 -5.80
N VAL A 217 13.32 -0.89 -5.09
CA VAL A 217 14.44 -0.09 -5.62
C VAL A 217 15.78 -0.31 -4.83
N GLY A 218 15.65 -0.89 -3.62
CA GLY A 218 16.84 -1.45 -2.98
C GLY A 218 17.24 -2.81 -3.33
N SER A 219 18.42 -3.14 -2.81
CA SER A 219 19.11 -4.43 -2.99
C SER A 219 18.46 -5.51 -2.33
N ALA A 220 18.85 -6.69 -2.77
CA ALA A 220 18.45 -7.87 -2.01
C ALA A 220 18.93 -7.90 -0.51
N ASN A 221 20.07 -7.17 -0.15
CA ASN A 221 20.40 -6.99 1.25
C ASN A 221 19.28 -6.30 2.08
N VAL A 222 18.62 -5.28 1.43
CA VAL A 222 17.39 -4.78 2.06
C VAL A 222 16.22 -5.74 2.38
N VAL A 223 15.97 -6.69 1.42
CA VAL A 223 15.00 -7.81 1.70
C VAL A 223 15.53 -8.60 2.87
N LYS A 224 16.84 -8.90 2.76
CA LYS A 224 17.28 -9.82 3.88
C LYS A 224 17.08 -9.23 5.31
N GLU A 225 17.46 -7.90 5.35
CA GLU A 225 17.28 -7.21 6.60
C GLU A 225 15.76 -7.21 7.08
N ALA A 226 14.86 -7.07 6.00
CA ALA A 226 13.42 -6.99 6.42
C ALA A 226 13.02 -8.38 7.08
N VAL A 227 13.58 -9.43 6.43
CA VAL A 227 13.09 -10.79 6.92
C VAL A 227 13.78 -11.17 8.32
N ASP A 228 15.12 -10.95 8.33
CA ASP A 228 16.00 -11.52 9.42
C ASP A 228 16.03 -10.67 10.64
N THR A 229 15.99 -9.36 10.45
CA THR A 229 15.95 -8.43 11.56
C THR A 229 14.60 -7.79 11.96
N LEU A 230 13.88 -7.30 10.95
CA LEU A 230 12.58 -6.83 11.34
C LEU A 230 11.49 -7.96 11.51
N LYS A 231 11.90 -9.20 11.09
CA LYS A 231 10.96 -10.30 11.16
C LYS A 231 9.61 -10.20 10.30
N THR A 232 9.74 -9.63 9.10
CA THR A 232 8.46 -9.36 8.40
C THR A 232 7.83 -10.67 7.90
N GLU A 233 6.58 -10.54 7.74
CA GLU A 233 5.73 -11.64 7.30
C GLU A 233 5.39 -11.64 5.85
N ARG A 234 5.39 -10.44 5.26
CA ARG A 234 5.20 -10.38 3.87
C ARG A 234 6.17 -9.28 3.31
N LEU A 235 6.47 -9.40 2.03
CA LEU A 235 7.22 -8.30 1.44
C LEU A 235 6.51 -7.31 0.47
N GLY A 236 6.74 -6.00 0.67
CA GLY A 236 6.31 -5.02 -0.36
C GLY A 236 7.28 -5.05 -1.56
N HIS A 237 6.71 -5.57 -2.67
CA HIS A 237 7.36 -5.69 -3.98
C HIS A 237 8.44 -6.82 -3.89
N GLY A 238 9.59 -6.56 -3.19
CA GLY A 238 10.59 -7.71 -3.16
C GLY A 238 11.34 -8.19 -4.43
N TYR A 239 11.20 -7.38 -5.49
CA TYR A 239 11.74 -7.83 -6.76
C TYR A 239 13.24 -8.24 -6.77
N HIS A 240 14.00 -7.50 -5.99
CA HIS A 240 15.45 -7.69 -6.05
C HIS A 240 15.96 -8.83 -5.20
N THR A 241 14.96 -9.53 -4.63
CA THR A 241 15.28 -10.81 -4.02
C THR A 241 15.97 -11.86 -4.93
N LEU A 242 15.54 -11.82 -6.14
CA LEU A 242 16.08 -12.66 -7.18
C LEU A 242 17.65 -12.43 -7.36
N GLU A 243 18.20 -11.29 -7.00
CA GLU A 243 19.71 -11.09 -7.07
C GLU A 243 20.68 -11.80 -6.03
N ASP A 244 20.01 -12.66 -5.19
CA ASP A 244 20.56 -13.45 -4.13
C ASP A 244 19.86 -14.72 -4.08
N THR A 245 20.53 -15.83 -4.56
CA THR A 245 19.75 -17.00 -4.91
C THR A 245 19.32 -17.90 -3.89
N THR A 246 20.24 -17.94 -2.89
CA THR A 246 19.95 -18.70 -1.68
C THR A 246 18.81 -17.95 -0.89
N LEU A 247 18.92 -16.65 -0.81
CA LEU A 247 17.73 -15.95 -0.08
C LEU A 247 16.35 -16.26 -0.86
N TYR A 248 16.39 -15.98 -2.17
CA TYR A 248 15.23 -16.47 -3.01
C TYR A 248 14.74 -17.83 -2.72
N ASN A 249 15.70 -18.78 -2.77
CA ASN A 249 15.30 -20.15 -2.50
C ASN A 249 14.74 -20.38 -1.06
N ARG A 250 15.41 -19.69 -0.05
CA ARG A 250 14.81 -19.88 1.21
C ARG A 250 13.37 -19.26 1.35
N LEU A 251 13.22 -18.12 0.72
CA LEU A 251 11.93 -17.46 0.86
C LEU A 251 10.83 -18.33 0.09
N ARG A 252 11.18 -18.94 -1.06
CA ARG A 252 10.24 -19.91 -1.59
C ARG A 252 9.88 -21.05 -0.68
N GLN A 253 10.90 -21.59 -0.02
CA GLN A 253 10.61 -22.65 0.94
C GLN A 253 9.84 -22.23 2.14
N GLU A 254 10.13 -21.04 2.56
CA GLU A 254 9.24 -20.60 3.63
C GLU A 254 7.76 -20.02 3.36
N ASN A 255 7.49 -20.00 2.10
CA ASN A 255 6.19 -19.53 1.60
C ASN A 255 5.95 -18.08 1.84
N MET A 256 7.05 -17.24 1.80
CA MET A 256 7.01 -15.78 1.95
C MET A 256 6.00 -15.25 0.86
N HIS A 257 5.17 -14.33 1.30
CA HIS A 257 4.24 -13.67 0.26
C HIS A 257 4.93 -12.38 -0.24
N PHE A 258 4.94 -12.25 -1.53
CA PHE A 258 5.42 -10.96 -2.17
C PHE A 258 4.18 -10.23 -2.72
N GLU A 259 4.05 -9.01 -2.24
CA GLU A 259 3.07 -8.02 -2.71
C GLU A 259 3.51 -7.28 -4.03
N ILE A 260 3.12 -7.92 -5.19
CA ILE A 260 3.60 -7.39 -6.44
C ILE A 260 2.72 -6.18 -7.01
N CYS A 261 3.44 -5.20 -7.59
CA CYS A 261 2.69 -4.11 -8.12
C CYS A 261 3.24 -3.80 -9.54
N PRO A 262 2.68 -4.47 -10.57
CA PRO A 262 3.28 -4.49 -11.83
C PRO A 262 3.39 -3.18 -12.60
N TRP A 263 2.33 -2.45 -12.67
CA TRP A 263 2.26 -1.20 -13.46
C TRP A 263 3.05 -0.14 -12.69
N SER A 264 2.87 -0.07 -11.40
CA SER A 264 3.87 0.50 -10.45
C SER A 264 5.37 0.34 -10.71
N SER A 265 5.76 -0.84 -10.90
CA SER A 265 7.11 -1.20 -11.22
C SER A 265 7.75 -0.68 -12.58
N TYR A 266 6.92 -0.59 -13.71
CA TYR A 266 7.32 0.28 -14.86
C TYR A 266 7.53 1.75 -14.50
N LEU A 267 6.48 2.33 -13.86
CA LEU A 267 6.58 3.75 -13.65
C LEU A 267 7.50 4.24 -12.59
N THR A 268 7.97 3.32 -11.79
CA THR A 268 8.82 3.90 -10.78
C THR A 268 10.35 3.68 -11.12
N GLY A 269 10.55 3.14 -12.29
CA GLY A 269 11.81 2.50 -12.47
C GLY A 269 12.16 1.16 -11.81
N ALA A 270 11.33 0.64 -10.90
CA ALA A 270 11.74 -0.63 -10.36
C ALA A 270 12.16 -1.69 -11.32
N TRP A 271 11.42 -1.70 -12.46
CA TRP A 271 11.59 -2.75 -13.45
C TRP A 271 11.88 -2.13 -14.75
N LYS A 272 12.93 -2.58 -15.28
CA LYS A 272 13.36 -1.88 -16.49
C LYS A 272 12.97 -2.56 -17.74
N PRO A 273 12.19 -1.80 -18.54
CA PRO A 273 11.48 -2.44 -19.61
C PRO A 273 12.22 -3.25 -20.74
N ASP A 274 13.54 -3.09 -20.89
CA ASP A 274 14.20 -4.08 -21.77
C ASP A 274 14.29 -5.51 -21.25
N THR A 275 13.62 -5.71 -20.07
CA THR A 275 13.89 -6.99 -19.45
C THR A 275 12.71 -7.85 -19.05
N GLU A 276 12.93 -9.08 -18.76
CA GLU A 276 12.25 -9.87 -17.72
C GLU A 276 11.34 -9.17 -16.73
N HIS A 277 10.02 -9.33 -16.74
CA HIS A 277 9.41 -8.82 -15.44
C HIS A 277 9.67 -9.86 -14.39
N ALA A 278 10.27 -9.42 -13.28
CA ALA A 278 10.08 -10.11 -12.01
C ALA A 278 8.91 -11.09 -11.74
N VAL A 279 7.64 -10.60 -11.88
CA VAL A 279 6.46 -11.45 -11.69
C VAL A 279 6.41 -12.62 -12.71
N ILE A 280 7.01 -12.34 -13.87
CA ILE A 280 7.11 -13.60 -14.63
C ILE A 280 7.92 -14.79 -14.04
N ARG A 281 9.08 -14.40 -13.52
CA ARG A 281 9.74 -15.45 -12.78
C ARG A 281 8.97 -16.10 -11.62
N PHE A 282 8.34 -15.11 -10.91
CA PHE A 282 7.59 -15.70 -9.77
C PHE A 282 6.42 -16.62 -10.23
N LYS A 283 5.77 -16.28 -11.38
CA LYS A 283 4.67 -17.23 -11.79
C LYS A 283 5.22 -18.66 -12.17
N ASN A 284 6.35 -18.66 -12.76
CA ASN A 284 6.94 -19.95 -13.19
C ASN A 284 7.49 -20.83 -12.09
N ASP A 285 7.84 -20.13 -10.97
CA ASP A 285 8.31 -20.76 -9.72
C ASP A 285 7.19 -21.06 -8.65
N GLN A 286 5.91 -20.79 -9.07
CA GLN A 286 4.78 -21.03 -8.12
C GLN A 286 4.94 -20.31 -6.79
N VAL A 287 5.55 -19.18 -6.92
CA VAL A 287 5.69 -18.34 -5.70
C VAL A 287 4.33 -17.83 -5.11
N ASN A 288 4.35 -17.47 -3.79
CA ASN A 288 3.17 -16.94 -3.18
C ASN A 288 3.19 -15.42 -3.38
N TYR A 289 2.43 -14.98 -4.41
CA TYR A 289 2.35 -13.49 -4.51
C TYR A 289 0.92 -12.96 -4.97
N SER A 290 0.77 -11.66 -4.86
CA SER A 290 -0.56 -11.12 -5.29
C SER A 290 -0.30 -9.95 -6.17
N LEU A 291 -1.38 -9.42 -6.76
CA LEU A 291 -1.23 -8.34 -7.69
C LEU A 291 -1.96 -7.13 -7.09
N ASN A 292 -1.30 -5.98 -7.28
CA ASN A 292 -1.80 -4.84 -6.49
C ASN A 292 -1.45 -3.49 -7.27
N THR A 293 -2.11 -2.47 -6.89
CA THR A 293 -2.03 -1.16 -7.67
C THR A 293 -1.10 -0.13 -7.08
N ASP A 294 -0.87 -0.13 -5.67
CA ASP A 294 0.01 0.83 -4.95
C ASP A 294 -0.49 2.24 -4.83
N ASP A 295 -0.54 2.97 -6.05
CA ASP A 295 -0.94 4.43 -5.94
C ASP A 295 -1.66 4.73 -7.36
N PRO A 296 -2.94 4.24 -7.55
CA PRO A 296 -3.77 4.37 -8.81
C PRO A 296 -3.93 5.89 -9.32
N LEU A 297 -4.11 6.79 -8.38
CA LEU A 297 -3.99 8.28 -8.57
C LEU A 297 -2.83 8.78 -9.38
N ILE A 298 -1.64 8.44 -8.81
CA ILE A 298 -0.38 8.66 -9.43
C ILE A 298 -0.11 7.88 -10.70
N PHE A 299 -0.50 6.60 -10.68
CA PHE A 299 -0.17 5.86 -11.88
C PHE A 299 -1.31 5.82 -12.88
N LYS A 300 -2.25 6.67 -12.63
CA LYS A 300 -3.34 6.62 -13.60
C LYS A 300 -4.15 5.39 -13.81
N SER A 301 -4.37 4.63 -12.70
CA SER A 301 -4.67 3.25 -12.96
C SER A 301 -5.81 2.75 -12.14
N THR A 302 -6.22 1.47 -12.41
CA THR A 302 -7.15 0.79 -11.44
C THR A 302 -6.64 -0.60 -11.36
N LEU A 303 -7.28 -1.44 -10.61
CA LEU A 303 -6.70 -2.78 -10.53
C LEU A 303 -6.65 -3.60 -11.81
N ASP A 304 -7.80 -3.33 -12.61
CA ASP A 304 -7.77 -3.89 -13.97
C ASP A 304 -6.51 -3.52 -14.76
N THR A 305 -5.91 -2.35 -14.48
CA THR A 305 -4.64 -2.04 -15.19
C THR A 305 -3.55 -3.12 -15.00
N ASP A 306 -3.36 -3.42 -13.68
CA ASP A 306 -2.34 -4.41 -13.53
C ASP A 306 -2.65 -5.80 -14.06
N TYR A 307 -4.02 -6.09 -13.97
CA TYR A 307 -4.41 -7.36 -14.64
C TYR A 307 -4.28 -7.31 -16.14
N GLN A 308 -4.55 -6.12 -16.68
CA GLN A 308 -4.27 -6.20 -18.16
C GLN A 308 -2.80 -6.29 -18.61
N MET A 309 -2.00 -5.61 -17.81
CA MET A 309 -0.62 -5.69 -18.11
C MET A 309 -0.09 -7.23 -18.06
N THR A 310 -0.35 -7.86 -16.94
CA THR A 310 0.08 -9.28 -16.89
C THR A 310 -0.59 -10.20 -17.92
N LYS A 311 -1.92 -10.04 -18.08
CA LYS A 311 -2.52 -10.86 -19.16
C LYS A 311 -1.94 -10.58 -20.56
N LYS A 312 -1.89 -9.28 -20.93
CA LYS A 312 -1.42 -8.87 -22.31
C LYS A 312 0.05 -8.92 -22.70
N ASP A 313 0.84 -8.59 -21.68
CA ASP A 313 2.29 -8.47 -21.92
C ASP A 313 3.05 -9.72 -21.43
N MET A 314 2.35 -10.48 -20.56
CA MET A 314 2.97 -11.61 -19.87
C MET A 314 2.22 -12.97 -19.90
N GLY A 315 1.03 -12.91 -20.55
CA GLY A 315 0.27 -14.16 -20.91
C GLY A 315 -0.25 -14.86 -19.71
N PHE A 316 -0.52 -13.99 -18.75
CA PHE A 316 -1.15 -14.59 -17.62
C PHE A 316 -2.58 -15.14 -17.88
N THR A 317 -2.85 -16.19 -17.23
CA THR A 317 -4.13 -16.79 -17.54
C THR A 317 -5.14 -16.71 -16.44
N GLU A 318 -6.39 -17.07 -16.79
CA GLU A 318 -7.40 -17.09 -15.71
C GLU A 318 -7.01 -17.99 -14.53
N GLU A 319 -6.52 -19.23 -14.77
CA GLU A 319 -6.31 -19.88 -13.49
C GLU A 319 -5.05 -19.48 -12.63
N GLU A 320 -4.06 -18.92 -13.30
CA GLU A 320 -3.13 -18.13 -12.53
C GLU A 320 -3.73 -16.88 -11.74
N PHE A 321 -4.64 -16.09 -12.36
CA PHE A 321 -5.32 -15.05 -11.55
C PHE A 321 -6.11 -15.60 -10.32
N LYS A 322 -6.72 -16.75 -10.57
CA LYS A 322 -7.38 -17.39 -9.46
C LYS A 322 -6.40 -17.78 -8.33
N ARG A 323 -5.35 -18.42 -8.75
CA ARG A 323 -4.29 -18.93 -7.77
C ARG A 323 -3.76 -17.83 -6.88
N LEU A 324 -3.42 -16.75 -7.62
CA LEU A 324 -2.87 -15.71 -6.73
C LEU A 324 -3.75 -14.99 -5.87
N ASN A 325 -5.03 -14.92 -6.35
CA ASN A 325 -5.96 -14.35 -5.32
C ASN A 325 -6.25 -15.20 -4.11
N ILE A 326 -6.22 -16.53 -4.36
CA ILE A 326 -6.30 -17.47 -3.20
C ILE A 326 -5.11 -17.33 -2.21
N ASN A 327 -3.92 -17.18 -2.90
CA ASN A 327 -2.64 -16.97 -2.14
C ASN A 327 -2.68 -15.63 -1.39
N ALA A 328 -3.27 -14.56 -2.02
CA ALA A 328 -3.49 -13.31 -1.27
C ALA A 328 -4.39 -13.37 0.01
N ALA A 329 -5.48 -14.13 -0.24
CA ALA A 329 -6.35 -14.29 0.91
C ALA A 329 -5.68 -15.19 2.04
N LYS A 330 -5.06 -16.27 1.64
CA LYS A 330 -4.23 -17.05 2.59
C LYS A 330 -3.12 -16.28 3.38
N SER A 331 -2.50 -15.35 2.64
CA SER A 331 -1.46 -14.57 3.35
C SER A 331 -2.00 -13.20 3.95
N SER A 332 -3.36 -13.06 3.97
CA SER A 332 -3.85 -11.90 4.53
C SER A 332 -3.59 -11.84 6.01
N PHE A 333 -3.75 -10.60 6.56
CA PHE A 333 -3.55 -10.41 8.02
C PHE A 333 -4.81 -10.44 8.95
N LEU A 334 -5.79 -11.26 8.50
CA LEU A 334 -7.06 -11.30 9.22
C LEU A 334 -6.92 -12.41 10.31
N PRO A 335 -7.81 -12.32 11.38
CA PRO A 335 -8.03 -13.59 12.14
C PRO A 335 -8.28 -14.81 11.28
N GLU A 336 -7.77 -15.87 11.88
CA GLU A 336 -7.82 -17.14 11.11
C GLU A 336 -9.31 -17.52 10.78
N ASP A 337 -10.19 -17.25 11.68
CA ASP A 337 -11.62 -17.53 11.37
C ASP A 337 -12.21 -16.84 10.18
N GLU A 338 -11.87 -15.50 10.17
CA GLU A 338 -12.21 -14.63 9.01
C GLU A 338 -11.55 -14.89 7.74
N LYS A 339 -10.28 -15.35 7.85
CA LYS A 339 -9.52 -15.72 6.68
C LYS A 339 -10.17 -16.97 6.00
N LYS A 340 -10.49 -18.00 6.81
CA LYS A 340 -11.24 -19.18 6.16
C LYS A 340 -12.54 -18.87 5.42
N GLU A 341 -13.19 -17.89 5.98
CA GLU A 341 -14.47 -17.32 5.46
C GLU A 341 -14.33 -16.59 4.15
N LEU A 342 -13.25 -15.71 4.17
CA LEU A 342 -12.66 -15.29 2.83
C LEU A 342 -12.43 -16.27 1.68
N LEU A 343 -11.66 -17.30 2.11
CA LEU A 343 -11.28 -18.34 1.18
C LEU A 343 -12.49 -19.11 0.65
N ASP A 344 -13.40 -19.46 1.61
CA ASP A 344 -14.73 -20.08 1.19
C ASP A 344 -15.43 -19.17 0.14
N LEU A 345 -15.62 -17.87 0.44
CA LEU A 345 -16.21 -16.96 -0.59
C LEU A 345 -15.51 -17.16 -1.94
N LEU A 346 -14.18 -17.00 -1.87
CA LEU A 346 -13.51 -17.09 -3.18
C LEU A 346 -13.56 -18.42 -3.89
N TYR A 347 -13.29 -19.51 -3.13
CA TYR A 347 -13.35 -20.79 -3.85
C TYR A 347 -14.81 -21.00 -4.41
N LYS A 348 -15.82 -20.56 -3.69
CA LYS A 348 -17.13 -20.55 -4.36
C LYS A 348 -17.36 -19.81 -5.75
N ALA A 349 -16.94 -18.52 -5.75
CA ALA A 349 -16.79 -17.76 -6.98
C ALA A 349 -15.97 -18.23 -8.14
N TYR A 350 -14.88 -18.93 -7.80
CA TYR A 350 -14.02 -19.55 -8.81
C TYR A 350 -14.48 -20.91 -9.43
N ARG A 351 -15.51 -21.51 -8.82
CA ARG A 351 -16.17 -22.68 -9.50
C ARG A 351 -17.25 -22.59 -10.72
#